data_2O6U
#
_entry.id   2O6U
#
_cell.length_a   93.099
_cell.length_b   93.099
_cell.length_c   85.734
_cell.angle_alpha   90.00
_cell.angle_beta   90.00
_cell.angle_gamma   120.00
#
_symmetry.space_group_name_H-M   'P 32 2 1'
#
loop_
_entity.id
_entity.type
_entity.pdbx_description
1 polymer THIOESTERASE
2 water water
#
_entity_poly.entity_id   1
_entity_poly.type   'polypeptide(L)'
_entity_poly.pdbx_seq_one_letter_code
;GHMATAPRPLREQYLHFQPISTRWHDNDIYGHVNNVTYYAFFDTAVNTYLIERGGLDIQGGEVIGLVVSSSCDYFAPVAF
PQRIEMGLRVARLGNSSVQYELALFLEGQREACAAGRFVHVFVERRSSRPVAIPQELRDALAALQSSAQ
;
_entity_poly.pdbx_strand_id   A,B
#
# COMPACT_ATOMS: atom_id res chain seq x y z
N ARG A 8 -7.34 18.83 -2.57
CA ARG A 8 -7.58 17.71 -1.61
C ARG A 8 -8.99 17.19 -1.78
N PRO A 9 -9.13 15.92 -2.28
CA PRO A 9 -10.39 15.26 -2.66
C PRO A 9 -11.46 15.45 -1.63
N LEU A 10 -12.69 15.58 -2.09
CA LEU A 10 -13.77 15.94 -1.19
C LEU A 10 -14.85 14.89 -1.24
N ARG A 11 -15.63 14.87 -0.18
CA ARG A 11 -16.61 13.81 0.02
C ARG A 11 -17.47 13.61 -1.23
N GLU A 12 -18.02 14.69 -1.77
CA GLU A 12 -18.98 14.54 -2.85
C GLU A 12 -18.43 14.07 -4.19
N GLN A 13 -17.10 14.12 -4.36
CA GLN A 13 -16.46 13.52 -5.53
C GLN A 13 -16.48 11.97 -5.52
N TYR A 14 -17.21 11.38 -4.57
CA TYR A 14 -17.22 9.91 -4.38
C TYR A 14 -18.64 9.40 -4.29
N LEU A 15 -18.88 8.22 -4.86
CA LEU A 15 -20.26 7.77 -5.04
C LEU A 15 -20.78 6.81 -3.93
N HIS A 16 -19.92 6.00 -3.34
CA HIS A 16 -20.35 5.03 -2.31
C HIS A 16 -19.46 5.05 -1.06
N PHE A 17 -20.09 4.97 0.12
CA PHE A 17 -19.38 5.15 1.38
C PHE A 17 -19.53 3.99 2.34
N GLN A 18 -18.41 3.54 2.95
CA GLN A 18 -18.48 2.57 4.06
C GLN A 18 -17.75 3.00 5.28
N PRO A 19 -18.34 2.76 6.44
CA PRO A 19 -17.64 2.95 7.70
C PRO A 19 -16.76 1.75 8.01
N ILE A 20 -15.50 1.99 8.36
CA ILE A 20 -14.64 0.92 8.87
C ILE A 20 -14.28 1.34 10.26
N SER A 21 -14.35 0.42 11.21
CA SER A 21 -14.00 0.74 12.58
C SER A 21 -12.49 0.60 12.71
N THR A 22 -11.85 1.51 13.45
CA THR A 22 -10.40 1.40 13.64
C THR A 22 -10.09 0.46 14.78
N ARG A 23 -8.89 -0.07 14.81
CA ARG A 23 -8.53 -1.12 15.76
C ARG A 23 -7.33 -0.70 16.61
N TRP A 24 -7.15 -1.28 17.79
CA TRP A 24 -6.06 -0.80 18.65
C TRP A 24 -4.75 -0.77 17.92
N HIS A 25 -4.35 -1.88 17.33
CA HIS A 25 -3.06 -1.89 16.68
C HIS A 25 -3.06 -1.16 15.34
N ASP A 26 -4.15 -0.50 14.98
CA ASP A 26 -4.05 0.35 13.82
C ASP A 26 -2.93 1.39 14.03
N ASN A 27 -2.83 1.96 15.22
CA ASN A 27 -1.80 2.93 15.48
C ASN A 27 -0.43 2.27 15.55
N ASP A 28 0.58 2.95 14.98
CA ASP A 28 1.97 2.51 15.08
C ASP A 28 2.72 3.28 16.16
N ILE A 29 4.05 3.15 16.18
CA ILE A 29 4.87 3.65 17.26
C ILE A 29 4.72 5.15 17.34
N TYR A 30 4.39 5.76 16.21
CA TYR A 30 4.31 7.22 16.18
C TYR A 30 2.93 7.79 16.51
N GLY A 31 1.96 6.90 16.71
CA GLY A 31 0.71 7.27 17.34
C GLY A 31 -0.44 7.41 16.39
N HIS A 32 -0.19 7.31 15.08
CA HIS A 32 -1.30 7.38 14.10
C HIS A 32 -1.48 6.08 13.41
N VAL A 33 -2.53 6.00 12.58
CA VAL A 33 -2.86 4.73 11.90
C VAL A 33 -1.70 4.56 10.96
N ASN A 34 -1.15 3.34 10.86
CA ASN A 34 0.01 3.12 10.00
C ASN A 34 -0.33 3.33 8.52
N ASN A 35 0.63 3.85 7.77
CA ASN A 35 0.35 4.10 6.38
C ASN A 35 -0.11 2.83 5.69
N VAL A 36 0.52 1.68 5.98
CA VAL A 36 0.13 0.41 5.38
C VAL A 36 -1.35 0.01 5.64
N THR A 37 -1.89 0.41 6.78
CA THR A 37 -3.27 0.07 7.04
C THR A 37 -4.25 0.71 6.07
N TYR A 38 -3.83 1.82 5.48
CA TYR A 38 -4.71 2.47 4.55
C TYR A 38 -5.17 1.48 3.44
N TYR A 39 -4.25 0.67 2.94
CA TYR A 39 -4.60 -0.25 1.84
C TYR A 39 -5.59 -1.37 2.29
N ALA A 40 -5.39 -1.86 3.53
CA ALA A 40 -6.35 -2.75 4.18
C ALA A 40 -7.74 -2.08 4.07
N PHE A 41 -7.84 -0.81 4.44
CA PHE A 41 -9.12 -0.16 4.28
C PHE A 41 -9.58 -0.19 2.81
N PHE A 42 -8.67 0.02 1.87
CA PHE A 42 -9.05 0.04 0.46
C PHE A 42 -9.65 -1.27 0.04
N ASP A 43 -8.93 -2.37 0.18
CA ASP A 43 -9.55 -3.55 -0.40
C ASP A 43 -10.62 -4.16 0.45
N THR A 44 -10.61 -3.87 1.75
CA THR A 44 -11.81 -4.17 2.53
C THR A 44 -13.00 -3.46 1.91
N ALA A 45 -12.83 -2.19 1.56
CA ALA A 45 -13.97 -1.38 1.16
C ALA A 45 -14.56 -1.74 -0.23
N VAL A 46 -13.67 -1.93 -1.21
CA VAL A 46 -14.04 -2.45 -2.52
C VAL A 46 -14.71 -3.82 -2.40
N ASN A 47 -14.03 -4.76 -1.75
CA ASN A 47 -14.48 -6.12 -1.72
C ASN A 47 -15.80 -6.23 -1.00
N THR A 48 -16.03 -5.43 0.04
CA THR A 48 -17.35 -5.43 0.65
C THR A 48 -18.43 -5.06 -0.39
N TYR A 49 -18.18 -4.03 -1.20
CA TYR A 49 -19.11 -3.60 -2.23
C TYR A 49 -19.33 -4.72 -3.21
N LEU A 50 -18.24 -5.31 -3.69
CA LEU A 50 -18.36 -6.45 -4.63
C LEU A 50 -19.19 -7.61 -4.08
N ILE A 51 -19.08 -7.81 -2.77
CA ILE A 51 -19.74 -8.93 -2.14
C ILE A 51 -21.25 -8.71 -1.97
N GLU A 52 -21.64 -7.55 -1.42
CA GLU A 52 -23.05 -7.23 -1.28
C GLU A 52 -23.75 -6.87 -2.59
N ARG A 53 -23.20 -5.90 -3.31
CA ARG A 53 -23.88 -5.37 -4.48
C ARG A 53 -23.43 -5.99 -5.80
N GLY A 54 -22.70 -7.11 -5.78
CA GLY A 54 -22.13 -7.61 -7.03
C GLY A 54 -21.96 -9.09 -7.29
N GLY A 55 -22.36 -9.95 -6.37
CA GLY A 55 -22.21 -11.36 -6.64
C GLY A 55 -21.15 -12.10 -5.85
N LEU A 56 -19.86 -11.94 -6.20
CA LEU A 56 -18.81 -12.80 -5.59
C LEU A 56 -19.04 -12.77 -4.08
N ASP A 57 -19.04 -13.92 -3.39
CA ASP A 57 -18.59 -15.25 -3.82
C ASP A 57 -17.09 -15.50 -3.91
N ILE A 58 -16.46 -15.10 -2.79
CA ILE A 58 -15.05 -15.25 -2.55
C ILE A 58 -14.72 -16.68 -2.15
N GLN A 59 -15.62 -17.41 -1.49
CA GLN A 59 -15.38 -18.84 -1.25
C GLN A 59 -15.82 -19.62 -2.48
N GLY A 60 -17.07 -19.39 -2.85
CA GLY A 60 -17.78 -19.92 -4.00
C GLY A 60 -17.19 -19.71 -5.38
N GLY A 61 -17.15 -18.46 -5.85
CA GLY A 61 -16.86 -18.12 -7.27
C GLY A 61 -15.74 -18.80 -8.05
N GLU A 62 -15.91 -18.87 -9.37
CA GLU A 62 -14.91 -19.34 -10.31
C GLU A 62 -14.08 -18.13 -10.81
N VAL A 63 -14.58 -16.94 -10.53
CA VAL A 63 -13.84 -15.72 -10.87
C VAL A 63 -13.55 -14.85 -9.62
N ILE A 64 -12.31 -14.37 -9.53
CA ILE A 64 -11.78 -13.56 -8.39
C ILE A 64 -11.04 -12.30 -8.85
N GLY A 65 -10.94 -11.31 -7.99
CA GLY A 65 -10.20 -10.09 -8.38
C GLY A 65 -8.75 -10.09 -7.92
N LEU A 66 -7.81 -9.88 -8.84
CA LEU A 66 -6.42 -9.72 -8.45
C LEU A 66 -6.04 -8.25 -8.42
N VAL A 67 -5.31 -7.85 -7.38
CA VAL A 67 -4.77 -6.50 -7.38
C VAL A 67 -3.50 -6.47 -8.15
N VAL A 68 -3.49 -5.75 -9.29
CA VAL A 68 -2.26 -5.57 -10.07
C VAL A 68 -1.46 -4.33 -9.72
N SER A 69 -2.10 -3.32 -9.13
CA SER A 69 -1.40 -2.11 -8.69
C SER A 69 -2.21 -1.36 -7.65
N SER A 70 -1.55 -0.50 -6.90
CA SER A 70 -2.22 0.38 -5.96
C SER A 70 -1.32 1.56 -5.62
N SER A 71 -1.92 2.61 -5.08
CA SER A 71 -1.15 3.77 -4.71
C SER A 71 -1.92 4.62 -3.74
N CYS A 72 -1.21 5.27 -2.84
CA CYS A 72 -1.92 6.13 -1.90
C CYS A 72 -1.13 7.42 -1.61
N ASP A 73 -1.87 8.47 -1.27
CA ASP A 73 -1.30 9.75 -0.84
C ASP A 73 -1.88 10.12 0.50
N TYR A 74 -1.05 10.68 1.34
CA TYR A 74 -1.47 10.91 2.70
C TYR A 74 -1.41 12.42 3.03
N PHE A 75 -2.50 12.93 3.56
CA PHE A 75 -2.65 14.35 3.73
C PHE A 75 -2.68 14.76 5.17
N ALA A 76 -3.50 14.07 5.95
CA ALA A 76 -3.56 14.31 7.38
C ALA A 76 -3.70 12.98 8.09
N PRO A 77 -3.03 12.84 9.24
CA PRO A 77 -3.05 11.53 9.85
C PRO A 77 -4.35 11.34 10.62
N VAL A 78 -4.55 10.11 11.07
CA VAL A 78 -5.72 9.67 11.85
C VAL A 78 -5.33 8.62 12.97
N ALA A 79 -6.16 8.39 13.98
CA ALA A 79 -5.81 7.37 14.99
C ALA A 79 -6.97 6.54 15.54
N PHE A 80 -6.74 5.24 15.77
CA PHE A 80 -7.65 4.54 16.64
C PHE A 80 -7.82 5.45 17.85
N PRO A 81 -9.05 5.62 18.36
CA PRO A 81 -10.34 5.03 18.04
C PRO A 81 -11.25 5.97 17.26
N GLN A 82 -10.70 6.82 16.41
CA GLN A 82 -11.55 7.67 15.62
C GLN A 82 -12.35 6.86 14.63
N ARG A 83 -13.40 7.50 14.12
CA ARG A 83 -14.36 6.90 13.20
C ARG A 83 -14.03 7.34 11.77
N ILE A 84 -13.61 6.40 10.95
CA ILE A 84 -13.07 6.70 9.63
C ILE A 84 -14.10 6.15 8.64
N GLU A 85 -14.18 6.74 7.44
CA GLU A 85 -14.99 6.12 6.41
C GLU A 85 -14.52 6.31 5.00
N MET A 86 -14.88 5.39 4.14
CA MET A 86 -14.26 5.29 2.83
C MET A 86 -15.19 5.71 1.72
N GLY A 87 -14.72 6.68 0.95
CA GLY A 87 -15.34 6.99 -0.30
C GLY A 87 -14.78 6.08 -1.37
N LEU A 88 -15.68 5.63 -2.25
CA LEU A 88 -15.36 4.77 -3.38
C LEU A 88 -16.01 5.27 -4.66
N ARG A 89 -15.23 5.30 -5.74
CA ARG A 89 -15.72 5.58 -7.10
C ARG A 89 -14.92 4.76 -8.12
N VAL A 90 -15.47 4.57 -9.32
CA VAL A 90 -14.81 3.81 -10.39
C VAL A 90 -14.36 4.77 -11.49
N ALA A 91 -13.09 4.68 -11.89
CA ALA A 91 -12.51 5.60 -12.88
C ALA A 91 -12.52 5.09 -14.30
N ARG A 92 -11.88 3.95 -14.57
CA ARG A 92 -11.91 3.36 -15.91
C ARG A 92 -12.51 2.00 -15.68
N LEU A 93 -13.06 1.42 -16.73
CA LEU A 93 -13.68 0.10 -16.64
C LEU A 93 -13.51 -0.71 -17.92
N GLY A 94 -12.35 -1.31 -18.12
CA GLY A 94 -12.09 -2.20 -19.27
C GLY A 94 -12.91 -3.49 -19.19
N ASN A 95 -12.48 -4.56 -19.84
CA ASN A 95 -13.40 -5.70 -19.89
C ASN A 95 -13.06 -6.88 -18.97
N SER A 96 -11.78 -7.04 -18.64
CA SER A 96 -11.36 -7.95 -17.58
C SER A 96 -10.67 -7.18 -16.44
N SER A 97 -10.80 -5.85 -16.48
CA SER A 97 -9.99 -4.92 -15.70
C SER A 97 -10.89 -3.85 -15.09
N VAL A 98 -10.49 -3.24 -13.97
CA VAL A 98 -11.19 -2.06 -13.46
C VAL A 98 -10.27 -1.24 -12.59
N GLN A 99 -10.57 0.05 -12.49
CA GLN A 99 -9.75 0.98 -11.73
C GLN A 99 -10.58 1.72 -10.70
N TYR A 100 -10.21 1.52 -9.42
CA TYR A 100 -10.96 2.12 -8.34
C TYR A 100 -10.27 3.34 -7.80
N GLU A 101 -11.08 4.30 -7.38
CA GLU A 101 -10.58 5.45 -6.66
C GLU A 101 -11.20 5.56 -5.28
N LEU A 102 -10.32 5.71 -4.31
CA LEU A 102 -10.68 5.58 -2.94
C LEU A 102 -10.23 6.82 -2.17
N ALA A 103 -10.98 7.20 -1.15
CA ALA A 103 -10.53 8.24 -0.23
C ALA A 103 -11.01 7.96 1.18
N LEU A 104 -10.12 8.13 2.16
CA LEU A 104 -10.50 7.96 3.55
C LEU A 104 -10.90 9.30 4.21
N PHE A 105 -12.12 9.33 4.77
CA PHE A 105 -12.60 10.53 5.43
C PHE A 105 -12.82 10.29 6.90
N LEU A 106 -12.39 11.25 7.71
CA LEU A 106 -12.69 11.23 9.13
C LEU A 106 -14.08 11.80 9.26
N GLU A 107 -14.93 11.23 10.11
CA GLU A 107 -16.32 11.74 10.28
C GLU A 107 -16.35 13.09 11.04
N GLY A 108 -17.16 14.08 10.68
CA GLY A 108 -17.61 14.50 9.38
C GLY A 108 -16.71 15.68 9.05
N GLN A 109 -15.70 15.40 8.24
CA GLN A 109 -14.93 16.43 7.60
C GLN A 109 -15.04 16.26 6.09
N ARG A 110 -14.97 17.39 5.39
CA ARG A 110 -15.17 17.36 3.96
C ARG A 110 -13.88 16.95 3.26
N GLU A 111 -12.75 17.24 3.88
CA GLU A 111 -11.49 16.87 3.25
C GLU A 111 -11.04 15.43 3.54
N ALA A 112 -10.61 14.75 2.47
CA ALA A 112 -10.04 13.41 2.57
C ALA A 112 -8.71 13.40 3.31
N CYS A 113 -8.55 12.44 4.21
CA CYS A 113 -7.33 12.30 5.00
C CYS A 113 -6.22 11.72 4.17
N ALA A 114 -6.60 10.82 3.27
CA ALA A 114 -5.72 10.27 2.26
C ALA A 114 -6.59 9.82 1.14
N ALA A 115 -5.97 9.66 -0.03
CA ALA A 115 -6.67 9.28 -1.27
C ALA A 115 -5.80 8.37 -2.09
N GLY A 116 -6.41 7.36 -2.69
CA GLY A 116 -5.65 6.36 -3.39
C GLY A 116 -6.46 5.72 -4.48
N ARG A 117 -5.76 4.89 -5.24
CA ARG A 117 -6.26 4.29 -6.46
C ARG A 117 -5.88 2.82 -6.32
N PHE A 118 -6.66 1.90 -6.89
CA PHE A 118 -6.15 0.55 -7.16
C PHE A 118 -6.81 -0.24 -8.30
N VAL A 119 -6.12 -1.27 -8.80
CA VAL A 119 -6.61 -1.97 -10.01
C VAL A 119 -6.89 -3.45 -9.83
N HIS A 120 -8.13 -3.80 -10.12
CA HIS A 120 -8.54 -5.18 -10.16
C HIS A 120 -8.42 -5.70 -11.58
N VAL A 121 -7.99 -6.95 -11.68
CA VAL A 121 -8.09 -7.70 -12.91
C VAL A 121 -8.78 -8.95 -12.48
N PHE A 122 -9.86 -9.32 -13.17
CA PHE A 122 -10.59 -10.53 -12.79
C PHE A 122 -10.12 -11.74 -13.54
N VAL A 123 -9.96 -12.84 -12.82
CA VAL A 123 -9.42 -14.05 -13.44
C VAL A 123 -10.22 -15.32 -13.05
N GLU A 124 -10.01 -16.41 -13.81
CA GLU A 124 -10.56 -17.73 -13.49
C GLU A 124 -9.80 -18.21 -12.29
N ARG A 125 -10.48 -18.71 -11.25
CA ARG A 125 -9.79 -19.03 -9.97
C ARG A 125 -8.57 -19.97 -10.23
N ARG A 126 -8.85 -21.13 -10.85
CA ARG A 126 -7.87 -22.18 -11.18
C ARG A 126 -6.74 -21.75 -12.12
N SER A 127 -7.13 -21.29 -13.31
CA SER A 127 -6.17 -20.83 -14.33
C SER A 127 -5.58 -19.41 -14.13
N SER A 128 -6.15 -18.62 -13.21
CA SER A 128 -5.80 -17.19 -13.03
C SER A 128 -5.52 -16.42 -14.34
N ARG A 129 -6.22 -16.82 -15.40
CA ARG A 129 -6.21 -16.12 -16.69
C ARG A 129 -7.40 -15.14 -16.75
N PRO A 130 -7.19 -13.94 -17.31
CA PRO A 130 -8.24 -12.92 -17.28
C PRO A 130 -9.52 -13.36 -17.95
N VAL A 131 -10.62 -12.75 -17.55
CA VAL A 131 -11.93 -13.05 -18.11
C VAL A 131 -12.74 -11.77 -18.20
N ALA A 132 -13.79 -11.79 -19.02
CA ALA A 132 -14.79 -10.73 -19.04
C ALA A 132 -15.41 -10.65 -17.64
N ILE A 133 -15.71 -9.44 -17.17
CA ILE A 133 -16.39 -9.29 -15.90
C ILE A 133 -17.85 -9.74 -16.01
N PRO A 134 -18.24 -10.76 -15.21
CA PRO A 134 -19.63 -11.27 -15.16
C PRO A 134 -20.64 -10.14 -15.05
N GLN A 135 -21.78 -10.25 -15.71
CA GLN A 135 -22.71 -9.10 -15.79
C GLN A 135 -23.11 -8.49 -14.43
N GLU A 136 -23.36 -9.32 -13.41
CA GLU A 136 -23.71 -8.78 -12.08
C GLU A 136 -22.65 -7.78 -11.63
N LEU A 137 -21.38 -8.23 -11.62
CA LEU A 137 -20.24 -7.41 -11.21
C LEU A 137 -20.17 -6.17 -12.05
N ARG A 138 -20.06 -6.34 -13.37
CA ARG A 138 -19.92 -5.18 -14.26
C ARG A 138 -21.07 -4.18 -14.10
N ASP A 139 -22.28 -4.67 -13.86
CA ASP A 139 -23.42 -3.77 -13.60
C ASP A 139 -23.14 -2.97 -12.31
N ALA A 140 -22.85 -3.70 -11.22
CA ALA A 140 -22.43 -3.13 -9.92
C ALA A 140 -21.29 -2.12 -10.03
N LEU A 141 -20.23 -2.52 -10.75
CA LEU A 141 -19.11 -1.62 -10.97
C LEU A 141 -19.57 -0.35 -11.64
N ALA A 142 -20.18 -0.48 -12.82
CA ALA A 142 -20.66 0.68 -13.60
C ALA A 142 -21.53 1.62 -12.77
N ALA A 143 -22.32 1.07 -11.87
CA ALA A 143 -23.10 1.86 -10.89
C ALA A 143 -22.27 2.91 -10.16
N LEU A 144 -20.97 2.64 -10.02
CA LEU A 144 -20.09 3.53 -9.27
C LEU A 144 -19.31 4.51 -10.14
N GLN A 145 -19.52 4.42 -11.44
CA GLN A 145 -18.95 5.35 -12.42
C GLN A 145 -19.55 6.76 -12.29
N SER A 146 -18.70 7.80 -12.29
CA SER A 146 -19.21 9.17 -12.23
C SER A 146 -19.93 9.57 -13.54
N ARG B 8 10.39 -5.46 -16.35
CA ARG B 8 10.23 -5.99 -14.97
C ARG B 8 11.56 -5.99 -14.20
N PRO B 9 11.60 -5.22 -13.10
CA PRO B 9 12.83 -4.79 -12.44
C PRO B 9 13.68 -5.94 -12.02
N LEU B 10 14.99 -5.70 -11.95
CA LEU B 10 15.98 -6.74 -11.84
C LEU B 10 16.82 -6.49 -10.62
N ARG B 11 17.32 -7.57 -10.05
CA ARG B 11 18.12 -7.54 -8.85
C ARG B 11 19.19 -6.46 -8.95
N GLU B 12 19.95 -6.50 -10.05
CA GLU B 12 21.07 -5.59 -10.32
C GLU B 12 20.76 -4.10 -10.17
N GLN B 13 19.52 -3.71 -10.46
CA GLN B 13 19.09 -2.32 -10.38
C GLN B 13 18.87 -1.84 -8.94
N TYR B 14 19.24 -2.64 -7.95
CA TYR B 14 19.02 -2.26 -6.55
C TYR B 14 20.30 -2.36 -5.76
N LEU B 15 20.48 -1.45 -4.81
CA LEU B 15 21.75 -1.36 -4.11
C LEU B 15 21.88 -2.20 -2.83
N HIS B 16 20.79 -2.31 -2.07
CA HIS B 16 20.82 -2.98 -0.79
C HIS B 16 19.68 -4.00 -0.65
N PHE B 17 19.96 -5.16 -0.04
CA PHE B 17 19.04 -6.28 0.02
C PHE B 17 18.89 -6.84 1.40
N GLN B 18 17.65 -7.15 1.74
CA GLN B 18 17.21 -7.53 3.07
C GLN B 18 16.27 -8.69 2.96
N PRO B 19 16.53 -9.77 3.73
CA PRO B 19 15.59 -10.91 3.71
C PRO B 19 14.58 -10.69 4.81
N ILE B 20 13.31 -10.98 4.51
CA ILE B 20 12.21 -10.86 5.47
C ILE B 20 11.52 -12.19 5.40
N SER B 21 11.32 -12.84 6.54
CA SER B 21 10.68 -14.15 6.56
C SER B 21 9.20 -13.96 6.31
N THR B 22 8.53 -14.90 5.65
CA THR B 22 7.08 -14.75 5.45
C THR B 22 6.33 -15.34 6.65
N ARG B 23 5.09 -14.90 6.91
CA ARG B 23 4.32 -15.35 8.08
C ARG B 23 3.03 -16.07 7.64
N TRP B 24 2.50 -16.94 8.53
CA TRP B 24 1.35 -17.77 8.22
C TRP B 24 0.27 -16.99 7.55
N HIS B 25 -0.18 -15.96 8.24
CA HIS B 25 -1.29 -15.14 7.76
C HIS B 25 -0.87 -14.14 6.70
N ASP B 26 0.32 -14.24 6.16
CA ASP B 26 0.60 -13.36 5.04
C ASP B 26 -0.32 -13.76 3.87
N ASN B 27 -0.59 -15.06 3.75
CA ASN B 27 -1.52 -15.53 2.77
C ASN B 27 -2.96 -15.06 3.06
N ASP B 28 -3.66 -14.59 2.02
CA ASP B 28 -5.09 -14.31 2.17
C ASP B 28 -5.91 -15.47 1.60
N ILE B 29 -7.20 -15.22 1.39
CA ILE B 29 -8.16 -16.31 1.07
C ILE B 29 -7.80 -16.95 -0.26
N TYR B 30 -7.06 -16.25 -1.11
CA TYR B 30 -6.75 -16.82 -2.41
C TYR B 30 -5.42 -17.50 -2.48
N GLY B 31 -4.73 -17.61 -1.36
CA GLY B 31 -3.54 -18.47 -1.28
C GLY B 31 -2.17 -17.82 -1.51
N HIS B 32 -2.16 -16.53 -1.86
CA HIS B 32 -0.89 -15.82 -1.98
C HIS B 32 -0.75 -14.78 -0.92
N VAL B 33 0.41 -14.11 -0.88
CA VAL B 33 0.68 -13.03 0.10
C VAL B 33 -0.24 -11.86 -0.26
N ASN B 34 -0.91 -11.28 0.73
CA ASN B 34 -1.88 -10.23 0.41
C ASN B 34 -1.19 -9.02 -0.18
N ASN B 35 -1.87 -8.37 -1.12
CA ASN B 35 -1.24 -7.21 -1.72
C ASN B 35 -0.88 -6.14 -0.68
N VAL B 36 -1.71 -5.95 0.36
CA VAL B 36 -1.35 -4.99 1.42
C VAL B 36 -0.02 -5.32 2.13
N THR B 37 0.25 -6.60 2.37
CA THR B 37 1.48 -7.00 3.00
C THR B 37 2.71 -6.49 2.31
N TYR B 38 2.64 -6.20 1.02
CA TYR B 38 3.88 -5.79 0.35
C TYR B 38 4.37 -4.50 0.99
N TYR B 39 3.45 -3.63 1.39
CA TYR B 39 3.88 -2.34 1.92
C TYR B 39 4.51 -2.57 3.31
N ALA B 40 3.98 -3.50 4.09
CA ALA B 40 4.64 -3.81 5.34
C ALA B 40 6.10 -4.19 5.06
N PHE B 41 6.32 -4.96 4.01
CA PHE B 41 7.67 -5.30 3.61
C PHE B 41 8.47 -4.05 3.23
N PHE B 42 7.82 -3.11 2.54
CA PHE B 42 8.49 -1.91 2.12
C PHE B 42 8.95 -1.14 3.34
N ASP B 43 8.03 -0.79 4.25
CA ASP B 43 8.56 0.05 5.28
C ASP B 43 9.40 -0.66 6.34
N THR B 44 9.21 -1.98 6.48
CA THR B 44 10.13 -2.72 7.31
C THR B 44 11.53 -2.60 6.75
N ALA B 45 11.64 -2.75 5.43
CA ALA B 45 12.95 -2.85 4.78
C ALA B 45 13.71 -1.53 4.88
N VAL B 46 12.98 -0.45 4.69
CA VAL B 46 13.59 0.86 4.69
C VAL B 46 14.03 1.13 6.11
N ASN B 47 13.11 1.05 7.07
CA ASN B 47 13.47 1.43 8.46
C ASN B 47 14.51 0.53 9.09
N THR B 48 14.61 -0.73 8.67
CA THR B 48 15.72 -1.55 9.16
C THR B 48 17.03 -0.89 8.74
N TYR B 49 17.08 -0.46 7.48
CA TYR B 49 18.29 0.17 7.00
C TYR B 49 18.53 1.46 7.74
N LEU B 50 17.53 2.33 7.85
CA LEU B 50 17.72 3.56 8.64
C LEU B 50 18.13 3.30 10.07
N ILE B 51 17.66 2.22 10.66
CA ILE B 51 18.06 1.95 12.03
C ILE B 51 19.50 1.48 12.15
N GLU B 52 19.90 0.50 11.34
CA GLU B 52 21.23 -0.05 11.46
C GLU B 52 22.34 0.83 10.88
N ARG B 53 22.10 1.38 9.70
CA ARG B 53 23.15 2.15 9.03
C ARG B 53 22.96 3.66 9.11
N GLY B 54 21.99 4.16 9.88
CA GLY B 54 21.63 5.57 9.77
C GLY B 54 21.39 6.40 11.02
N GLY B 55 21.40 5.78 12.19
CA GLY B 55 21.12 6.57 13.37
C GLY B 55 19.80 6.23 14.04
N LEU B 56 18.66 6.67 13.47
CA LEU B 56 17.31 6.55 14.08
C LEU B 56 17.22 5.19 14.82
N ASP B 57 16.85 5.07 16.11
CA ASP B 57 16.46 6.14 17.10
C ASP B 57 14.96 6.40 17.02
N ILE B 58 14.18 5.32 16.91
CA ILE B 58 12.74 5.43 16.75
C ILE B 58 12.07 5.56 18.11
N GLN B 59 12.80 5.16 19.15
CA GLN B 59 12.36 5.31 20.53
C GLN B 59 12.58 6.69 21.21
N GLY B 60 13.78 7.21 21.51
CA GLY B 60 14.93 7.47 20.66
C GLY B 60 14.77 8.94 20.24
N GLY B 61 15.11 9.20 18.97
CA GLY B 61 15.28 10.54 18.43
C GLY B 61 14.11 11.50 18.42
N GLU B 62 14.47 12.76 18.14
CA GLU B 62 13.49 13.85 18.02
C GLU B 62 13.18 14.12 16.52
N VAL B 63 13.81 13.32 15.64
CA VAL B 63 13.52 13.31 14.20
C VAL B 63 13.04 11.94 13.71
N ILE B 64 11.88 11.91 13.03
CA ILE B 64 11.20 10.68 12.56
C ILE B 64 10.80 10.77 11.07
N GLY B 65 10.59 9.65 10.42
CA GLY B 65 10.19 9.67 9.01
C GLY B 65 8.69 9.48 8.83
N LEU B 66 8.04 10.37 8.09
CA LEU B 66 6.62 10.22 7.83
C LEU B 66 6.40 9.83 6.39
N VAL B 67 5.57 8.81 6.16
CA VAL B 67 5.28 8.36 4.80
C VAL B 67 4.20 9.25 4.22
N VAL B 68 4.52 10.03 3.17
CA VAL B 68 3.52 10.87 2.53
C VAL B 68 2.91 10.28 1.27
N SER B 69 3.58 9.32 0.65
CA SER B 69 2.97 8.59 -0.46
C SER B 69 3.63 7.25 -0.64
N SER B 70 2.91 6.31 -1.26
CA SER B 70 3.50 5.05 -1.71
C SER B 70 2.69 4.49 -2.86
N SER B 71 3.25 3.48 -3.50
CA SER B 71 2.52 2.84 -4.55
C SER B 71 3.26 1.57 -4.94
N CYS B 72 2.53 0.61 -5.48
CA CYS B 72 3.14 -0.66 -5.74
C CYS B 72 2.60 -1.27 -7.01
N ASP B 73 3.43 -2.04 -7.70
CA ASP B 73 2.93 -2.82 -8.82
C ASP B 73 3.25 -4.29 -8.65
N TYR B 74 2.36 -5.12 -9.15
CA TYR B 74 2.43 -6.52 -8.80
C TYR B 74 2.50 -7.34 -10.05
N PHE B 75 3.51 -8.19 -10.15
CA PHE B 75 3.71 -8.93 -11.39
C PHE B 75 3.50 -10.43 -11.25
N ALA B 76 4.08 -11.01 -10.22
CA ALA B 76 3.88 -12.42 -9.97
C ALA B 76 3.69 -12.62 -8.48
N PRO B 77 2.77 -13.52 -8.14
CA PRO B 77 2.35 -13.73 -6.79
C PRO B 77 3.41 -14.50 -6.05
N VAL B 78 3.29 -14.55 -4.73
CA VAL B 78 4.21 -15.27 -3.89
C VAL B 78 3.50 -15.78 -2.58
N ALA B 79 4.09 -16.70 -1.82
CA ALA B 79 3.33 -17.31 -0.72
C ALA B 79 4.15 -17.67 0.49
N PHE B 80 3.64 -17.39 1.68
CA PHE B 80 4.17 -18.10 2.83
C PHE B 80 4.17 -19.59 2.45
N PRO B 81 5.26 -20.33 2.78
CA PRO B 81 6.46 -19.95 3.53
C PRO B 81 7.65 -19.60 2.65
N GLN B 82 7.44 -19.17 1.41
CA GLN B 82 8.57 -18.88 0.54
C GLN B 82 9.43 -17.83 1.19
N ARG B 83 10.69 -17.84 0.80
CA ARG B 83 11.66 -16.87 1.36
C ARG B 83 11.81 -15.70 0.37
N ILE B 84 11.50 -14.49 0.84
CA ILE B 84 11.36 -13.32 0.00
C ILE B 84 12.51 -12.38 0.37
N GLU B 85 13.01 -11.54 -0.54
CA GLU B 85 13.92 -10.48 -0.10
C GLU B 85 13.73 -9.16 -0.81
N MET B 86 14.05 -8.06 -0.11
CA MET B 86 13.81 -6.73 -0.67
C MET B 86 15.05 -6.02 -1.20
N GLY B 87 15.02 -5.68 -2.48
CA GLY B 87 15.95 -4.71 -2.97
C GLY B 87 15.49 -3.33 -2.55
N LEU B 88 16.47 -2.46 -2.35
CA LEU B 88 16.25 -1.09 -1.97
C LEU B 88 17.28 -0.21 -2.65
N ARG B 89 16.84 0.98 -3.07
CA ARG B 89 17.64 2.01 -3.72
C ARG B 89 16.99 3.34 -3.46
N VAL B 90 17.77 4.43 -3.53
CA VAL B 90 17.23 5.80 -3.36
C VAL B 90 17.25 6.51 -4.70
N ALA B 91 16.10 7.13 -5.05
CA ALA B 91 15.88 7.74 -6.36
C ALA B 91 16.15 9.21 -6.35
N ARG B 92 15.43 9.96 -5.54
CA ARG B 92 15.85 11.37 -5.37
C ARG B 92 15.89 11.66 -3.88
N LEU B 93 16.55 12.74 -3.51
CA LEU B 93 16.88 13.02 -2.13
C LEU B 93 16.96 14.52 -1.88
N GLY B 94 15.82 15.14 -1.65
CA GLY B 94 15.76 16.56 -1.28
C GLY B 94 16.37 16.83 0.10
N ASN B 95 15.82 17.83 0.77
CA ASN B 95 16.44 18.39 1.97
C ASN B 95 15.88 17.82 3.26
N SER B 96 14.55 17.74 3.30
CA SER B 96 13.82 17.15 4.39
C SER B 96 13.02 15.92 3.91
N SER B 97 13.28 15.49 2.68
CA SER B 97 12.51 14.41 2.10
C SER B 97 13.41 13.48 1.29
N VAL B 98 12.89 12.32 0.92
CA VAL B 98 13.62 11.30 0.17
C VAL B 98 12.68 10.33 -0.49
N GLN B 99 13.08 9.76 -1.62
CA GLN B 99 12.20 8.87 -2.31
C GLN B 99 12.87 7.53 -2.56
N TYR B 100 12.22 6.47 -2.07
CA TYR B 100 12.81 5.14 -2.12
C TYR B 100 12.18 4.31 -3.22
N GLU B 101 12.97 3.39 -3.77
CA GLU B 101 12.51 2.42 -4.75
C GLU B 101 12.73 1.03 -4.16
N LEU B 102 11.67 0.24 -4.07
CA LEU B 102 11.80 -1.06 -3.47
C LEU B 102 11.32 -2.10 -4.44
N ALA B 103 11.87 -3.30 -4.34
CA ALA B 103 11.28 -4.42 -5.04
C ALA B 103 11.44 -5.70 -4.22
N LEU B 104 10.46 -6.58 -4.37
CA LEU B 104 10.45 -7.85 -3.72
C LEU B 104 10.88 -8.98 -4.66
N PHE B 105 11.89 -9.71 -4.24
CA PHE B 105 12.45 -10.78 -5.01
C PHE B 105 12.27 -12.08 -4.28
N LEU B 106 11.88 -13.11 -4.99
CA LEU B 106 11.85 -14.46 -4.46
C LEU B 106 13.25 -14.94 -4.58
N GLU B 107 13.74 -15.61 -3.55
CA GLU B 107 15.09 -16.14 -3.56
C GLU B 107 15.39 -17.13 -4.67
N GLY B 108 16.48 -16.71 -5.31
CA GLY B 108 17.05 -17.18 -6.54
C GLY B 108 16.30 -16.79 -7.79
N GLN B 109 15.72 -15.58 -7.83
CA GLN B 109 15.09 -15.14 -9.07
C GLN B 109 15.64 -13.75 -9.45
N ARG B 110 15.85 -13.55 -10.74
CA ARG B 110 16.40 -12.29 -11.26
C ARG B 110 15.25 -11.28 -11.31
N GLU B 111 14.04 -11.76 -11.56
CA GLU B 111 12.89 -10.89 -11.73
C GLU B 111 12.12 -10.56 -10.44
N ALA B 112 11.87 -9.26 -10.22
CA ALA B 112 11.07 -8.79 -9.10
C ALA B 112 9.68 -9.34 -9.25
N CYS B 113 9.06 -9.69 -8.11
CA CYS B 113 7.71 -10.25 -8.09
C CYS B 113 6.70 -9.09 -7.96
N ALA B 114 7.16 -8.02 -7.28
CA ALA B 114 6.49 -6.71 -7.28
C ALA B 114 7.55 -5.63 -7.08
N ALA B 115 7.16 -4.40 -7.35
CA ALA B 115 8.06 -3.28 -7.25
C ALA B 115 7.26 -2.01 -6.97
N GLY B 116 7.84 -1.17 -6.11
CA GLY B 116 7.16 0.02 -5.63
C GLY B 116 8.07 1.11 -5.17
N ARG B 117 7.47 2.25 -4.87
CA ARG B 117 8.20 3.41 -4.40
C ARG B 117 7.51 3.95 -3.16
N PHE B 118 8.25 4.67 -2.33
CA PHE B 118 7.58 5.49 -1.33
C PHE B 118 8.40 6.67 -0.81
N VAL B 119 7.73 7.64 -0.22
CA VAL B 119 8.39 8.90 0.10
C VAL B 119 8.36 9.21 1.60
N HIS B 120 9.55 9.38 2.17
CA HIS B 120 9.69 9.82 3.54
C HIS B 120 9.86 11.32 3.61
N VAL B 121 9.24 11.97 4.57
CA VAL B 121 9.53 13.37 4.91
C VAL B 121 9.99 13.32 6.35
N PHE B 122 11.16 13.82 6.64
CA PHE B 122 11.60 13.75 8.01
C PHE B 122 11.15 14.95 8.81
N VAL B 123 10.62 14.73 10.01
CA VAL B 123 10.04 15.82 10.78
C VAL B 123 10.50 15.79 12.24
N GLU B 124 10.36 16.92 12.96
CA GLU B 124 10.64 16.93 14.39
C GLU B 124 9.51 16.15 15.09
N ARG B 125 9.82 15.30 16.07
CA ARG B 125 8.82 14.35 16.62
C ARG B 125 7.58 15.13 17.12
N ARG B 126 7.78 16.05 18.05
CA ARG B 126 6.70 16.83 18.70
C ARG B 126 5.93 17.77 17.74
N SER B 127 6.69 18.55 16.95
CA SER B 127 6.14 19.55 16.05
C SER B 127 5.65 19.00 14.72
N SER B 128 6.11 17.79 14.39
CA SER B 128 5.91 17.21 13.05
C SER B 128 6.12 18.21 11.90
N ARG B 129 6.99 19.19 12.11
CA ARG B 129 7.35 20.11 11.05
C ARG B 129 8.67 19.64 10.42
N PRO B 130 8.76 19.67 9.08
CA PRO B 130 9.95 19.21 8.36
C PRO B 130 11.28 19.73 8.89
N VAL B 131 12.34 18.94 8.71
CA VAL B 131 13.71 19.31 9.10
C VAL B 131 14.67 18.87 8.01
N ALA B 132 15.87 19.44 7.97
CA ALA B 132 16.93 18.85 7.15
C ALA B 132 17.25 17.47 7.69
N ILE B 133 17.62 16.55 6.81
CA ILE B 133 18.06 15.21 7.22
C ILE B 133 19.41 15.30 7.98
N PRO B 134 19.44 14.81 9.24
CA PRO B 134 20.69 14.74 10.00
C PRO B 134 21.78 14.05 9.22
N GLN B 135 23.01 14.54 9.37
CA GLN B 135 24.15 14.04 8.59
C GLN B 135 24.30 12.49 8.53
N GLU B 136 24.20 11.81 9.69
CA GLU B 136 24.26 10.33 9.71
C GLU B 136 23.34 9.76 8.66
N LEU B 137 22.05 10.09 8.77
CA LEU B 137 21.02 9.55 7.89
C LEU B 137 21.26 9.96 6.46
N ARG B 138 21.44 11.24 6.24
CA ARG B 138 21.68 11.75 4.91
C ARG B 138 22.82 11.00 4.22
N ASP B 139 23.89 10.71 4.96
CA ASP B 139 25.03 9.99 4.38
C ASP B 139 24.64 8.52 4.08
N ALA B 140 24.09 7.81 5.08
CA ALA B 140 23.45 6.50 4.86
C ALA B 140 22.49 6.48 3.67
N LEU B 141 21.54 7.42 3.61
CA LEU B 141 20.64 7.50 2.45
C LEU B 141 21.43 7.63 1.15
N ALA B 142 22.36 8.59 1.11
CA ALA B 142 23.15 8.84 -0.09
C ALA B 142 23.87 7.59 -0.57
N ALA B 143 24.36 6.79 0.37
CA ALA B 143 25.05 5.57 0.03
C ALA B 143 24.21 4.62 -0.81
N LEU B 144 22.89 4.81 -0.78
CA LEU B 144 21.97 3.97 -1.55
C LEU B 144 21.56 4.55 -2.91
N GLN B 145 22.12 5.72 -3.24
CA GLN B 145 21.90 6.38 -4.54
C GLN B 145 22.71 5.77 -5.67
N SER B 146 22.05 5.60 -6.82
CA SER B 146 22.65 5.04 -8.02
C SER B 146 23.80 5.93 -8.51
#